data_3AEH
#
_entry.id   3AEH
#
_cell.length_a   73.011
_cell.length_b   68.893
_cell.length_c   78.378
_cell.angle_alpha   90.00
_cell.angle_beta   117.75
_cell.angle_gamma   90.00
#
_symmetry.space_group_name_H-M   'P 1 21 1'
#
loop_
_entity.id
_entity.type
_entity.pdbx_description
1 polymer 'Hemoglobin-binding protease hbp autotransporter'
2 water water
#
_entity_poly.entity_id   1
_entity_poly.type   'polypeptide(L)'
_entity_poly.pdbx_seq_one_letter_code
;GTMARNDGQGKAAATFMHISYNNFITEVDNLNKRMGDLRDINGEAGTWVRLLNGSGSADGGFTDHYTLLQMGADRKHELG
SMDLFTGVMATYTDTDASADLYSGKTKSWGGGFYASGLFRSGAYFDVIAKYIHNENKYDLNFAGAGKQNFRSHSLYAGAE
VGYRYHLTDTTFVEPQAELVWGRLQGQTFNWNDSGMDVSMRRNSVNPLVGRTGVVSGKTFSGKDWSLTARAGLHYEFDLT
DSADVHLKDAAGEHQINGRKDSRMLYGVGLNARFGDNTRLGLEVERSAFGKYNTDDAINANIRYSFLE
;
_entity_poly.pdbx_strand_id   A,B
#
# COMPACT_ATOMS: atom_id res chain seq x y z
N GLY A 1 -4.33 43.56 8.25
CA GLY A 1 -4.70 44.26 9.51
C GLY A 1 -5.51 43.29 10.34
N THR A 2 -6.21 43.82 11.37
CA THR A 2 -6.91 43.01 12.38
C THR A 2 -7.91 42.01 11.77
N MET A 3 -8.67 42.45 10.77
CA MET A 3 -9.69 41.56 10.21
C MET A 3 -9.08 40.40 9.46
N ALA A 4 -8.01 40.71 8.73
CA ALA A 4 -7.29 39.68 7.99
C ALA A 4 -6.60 38.71 8.94
N ARG A 5 -6.08 39.25 10.04
CA ARG A 5 -5.39 38.40 11.03
C ARG A 5 -6.38 37.50 11.78
N ASN A 6 -7.57 38.01 12.05
CA ASN A 6 -8.55 37.19 12.73
C ASN A 6 -9.01 36.09 11.81
N ASP A 7 -9.24 36.40 10.54
CA ASP A 7 -9.64 35.41 9.52
C ASP A 7 -8.56 34.30 9.42
N GLY A 8 -7.32 34.74 9.22
CA GLY A 8 -6.14 33.89 9.33
C GLY A 8 -6.05 33.01 10.58
N GLN A 9 -6.29 33.61 11.74
CA GLN A 9 -6.27 32.89 13.00
C GLN A 9 -7.31 31.77 13.02
N GLY A 10 -8.52 32.08 12.54
CA GLY A 10 -9.61 31.13 12.40
C GLY A 10 -9.20 29.99 11.45
N LYS A 11 -8.60 30.34 10.32
CA LYS A 11 -8.20 29.33 9.36
C LYS A 11 -7.08 28.44 9.90
N ALA A 12 -6.13 29.01 10.65
CA ALA A 12 -5.07 28.27 11.29
C ALA A 12 -5.61 27.30 12.39
N ALA A 13 -6.50 27.77 13.26
CA ALA A 13 -7.16 26.92 14.26
C ALA A 13 -7.94 25.77 13.57
N ALA A 14 -8.66 26.06 12.48
CA ALA A 14 -9.42 25.01 11.79
C ALA A 14 -8.46 23.97 11.19
N THR A 15 -7.37 24.45 10.58
CA THR A 15 -6.32 23.63 10.00
C THR A 15 -5.59 22.74 11.04
N PHE A 16 -5.12 23.35 12.13
CA PHE A 16 -4.51 22.60 13.20
C PHE A 16 -5.38 21.44 13.68
N MET A 17 -6.65 21.74 13.87
CA MET A 17 -7.63 20.77 14.25
C MET A 17 -7.88 19.65 13.23
N HIS A 18 -7.99 20.01 11.95
CA HIS A 18 -8.21 19.03 10.89
C HIS A 18 -7.04 18.07 10.86
N ILE A 19 -5.84 18.64 10.97
CA ILE A 19 -4.65 17.81 10.88
C ILE A 19 -4.56 16.89 12.10
N SER A 20 -4.80 17.48 13.29
CA SER A 20 -4.80 16.69 14.53
C SER A 20 -5.83 15.54 14.47
N TYR A 21 -7.06 15.83 14.08
CA TYR A 21 -8.08 14.78 13.96
C TYR A 21 -7.68 13.76 12.90
N ASN A 22 -7.14 14.21 11.78
CA ASN A 22 -6.62 13.29 10.77
C ASN A 22 -5.55 12.33 11.33
N ASN A 23 -4.64 12.86 12.13
CA ASN A 23 -3.62 12.02 12.73
C ASN A 23 -4.22 10.95 13.67
N PHE A 24 -5.28 11.30 14.37
CA PHE A 24 -5.90 10.30 15.20
C PHE A 24 -6.63 9.21 14.37
N ILE A 25 -7.44 9.64 13.40
CA ILE A 25 -8.31 8.74 12.62
C ILE A 25 -7.46 7.69 11.86
N THR A 26 -6.30 8.15 11.39
CA THR A 26 -5.38 7.35 10.62
C THR A 26 -4.89 6.11 11.41
N GLU A 27 -4.88 6.22 12.74
CA GLU A 27 -4.39 5.13 13.59
C GLU A 27 -5.46 4.10 13.98
N VAL A 28 -6.72 4.32 13.59
CA VAL A 28 -7.80 3.44 14.04
C VAL A 28 -7.60 2.09 13.32
N ASP A 29 -7.55 0.99 14.08
CA ASP A 29 -7.22 -0.34 13.49
C ASP A 29 -8.32 -1.31 13.95
N ASN A 30 -8.09 -2.60 13.74
CA ASN A 30 -8.95 -3.60 14.29
C ASN A 30 -8.11 -4.85 14.39
N LEU A 31 -8.67 -5.87 15.05
CA LEU A 31 -7.89 -7.08 15.32
C LEU A 31 -7.31 -7.70 14.07
N ASN A 32 -8.14 -7.88 13.05
CA ASN A 32 -7.64 -8.65 11.91
C ASN A 32 -6.51 -7.87 11.20
N LYS A 33 -6.67 -6.54 11.10
CA LYS A 33 -5.65 -5.74 10.41
C LYS A 33 -4.33 -5.75 11.18
N ARG A 34 -4.40 -5.75 12.51
CA ARG A 34 -3.11 -5.57 13.24
C ARG A 34 -2.42 -6.96 13.40
N MET A 35 -3.23 -7.93 13.83
CA MET A 35 -2.74 -9.21 14.33
C MET A 35 -2.91 -10.39 13.32
N GLY A 36 -3.73 -10.20 12.30
CA GLY A 36 -4.15 -11.34 11.42
C GLY A 36 -5.04 -12.31 12.18
N ASP A 37 -5.08 -13.57 11.72
CA ASP A 37 -5.95 -14.56 12.38
C ASP A 37 -5.21 -15.11 13.62
N LEU A 38 -5.77 -14.97 14.83
CA LEU A 38 -5.17 -15.57 16.04
C LEU A 38 -5.82 -16.87 16.56
N ARG A 39 -6.65 -17.50 15.75
CA ARG A 39 -7.35 -18.71 16.18
C ARG A 39 -6.46 -19.93 16.09
N ASP A 40 -6.52 -20.75 17.12
CA ASP A 40 -5.84 -22.04 17.12
C ASP A 40 -4.31 -21.98 16.88
N ILE A 41 -3.65 -21.02 17.52
CA ILE A 41 -2.19 -20.98 17.41
C ILE A 41 -1.53 -21.89 18.48
N ASN A 42 -0.59 -22.70 17.99
CA ASN A 42 0.07 -23.70 18.83
C ASN A 42 1.41 -23.14 19.19
N GLY A 43 1.47 -22.23 20.13
CA GLY A 43 2.73 -21.54 20.35
C GLY A 43 2.43 -20.69 21.55
N GLU A 44 3.35 -20.50 22.47
CA GLU A 44 2.98 -19.66 23.60
C GLU A 44 3.46 -18.20 23.50
N ALA A 45 4.20 -17.88 22.44
CA ALA A 45 4.72 -16.56 22.31
C ALA A 45 4.68 -16.21 20.82
N GLY A 46 4.65 -14.89 20.54
CA GLY A 46 4.55 -14.47 19.20
C GLY A 46 5.24 -13.18 18.97
N THR A 47 5.66 -13.00 17.72
CA THR A 47 6.19 -11.72 17.22
C THR A 47 5.44 -11.38 15.95
N TRP A 48 5.16 -10.09 15.70
CA TRP A 48 4.47 -9.75 14.48
C TRP A 48 4.95 -8.40 13.91
N VAL A 49 4.71 -8.19 12.60
CA VAL A 49 4.97 -6.91 12.00
C VAL A 49 3.80 -6.64 11.10
N ARG A 50 3.39 -5.36 11.06
CA ARG A 50 2.24 -4.99 10.25
C ARG A 50 2.62 -3.73 9.45
N LEU A 51 2.25 -3.70 8.18
CA LEU A 51 2.50 -2.52 7.35
C LEU A 51 1.18 -2.08 6.72
N LEU A 52 0.91 -0.78 6.72
CA LEU A 52 -0.27 -0.25 6.02
C LEU A 52 0.16 0.94 5.12
N ASN A 53 -0.37 0.96 3.89
CA ASN A 53 -0.15 2.07 2.97
CA ASN A 53 -0.15 2.05 2.95
C ASN A 53 -1.50 2.39 2.39
N GLY A 54 -1.93 3.66 2.49
CA GLY A 54 -3.28 3.95 2.00
C GLY A 54 -3.42 5.45 1.76
N SER A 55 -4.56 5.85 1.25
CA SER A 55 -4.81 7.24 0.82
C SER A 55 -6.24 7.51 1.15
N GLY A 56 -6.52 8.71 1.66
CA GLY A 56 -7.89 9.15 1.88
C GLY A 56 -8.13 10.50 1.17
N SER A 57 -9.39 10.91 1.13
CA SER A 57 -9.76 12.20 0.55
C SER A 57 -11.00 12.68 1.31
N ALA A 58 -11.22 13.97 1.28
CA ALA A 58 -12.40 14.52 1.89
C ALA A 58 -12.75 15.82 1.15
N ASP A 59 -13.67 16.60 1.74
CA ASP A 59 -13.99 17.94 1.23
C ASP A 59 -12.87 19.00 1.55
N GLY A 60 -12.99 20.21 0.99
CA GLY A 60 -11.99 21.26 1.24
C GLY A 60 -10.74 20.98 0.41
N GLY A 61 -10.86 20.12 -0.60
CA GLY A 61 -9.73 19.66 -1.45
C GLY A 61 -8.78 18.70 -0.70
N PHE A 62 -9.25 18.10 0.38
CA PHE A 62 -8.33 17.31 1.21
C PHE A 62 -7.91 16.01 0.54
N THR A 63 -6.64 15.69 0.59
CA THR A 63 -6.15 14.40 0.13
C THR A 63 -4.95 14.02 1.07
N ASP A 64 -4.80 12.74 1.35
CA ASP A 64 -3.65 12.36 2.18
C ASP A 64 -3.17 10.99 1.81
N HIS A 65 -1.96 10.70 2.21
CA HIS A 65 -1.46 9.35 2.11
C HIS A 65 -0.61 9.07 3.33
N TYR A 66 -0.59 7.81 3.75
CA TYR A 66 0.06 7.46 4.99
C TYR A 66 0.69 6.08 4.82
N THR A 67 1.75 5.88 5.58
CA THR A 67 2.37 4.59 5.70
C THR A 67 2.46 4.36 7.19
N LEU A 68 2.06 3.18 7.64
CA LEU A 68 2.13 2.82 9.07
C LEU A 68 2.97 1.55 9.18
N LEU A 69 3.92 1.55 10.11
CA LEU A 69 4.73 0.36 10.34
C LEU A 69 4.58 0.11 11.86
N GLN A 70 4.19 -1.11 12.22
CA GLN A 70 3.91 -1.47 13.62
C GLN A 70 4.55 -2.82 13.88
N MET A 71 4.98 -3.06 15.10
CA MET A 71 5.60 -4.39 15.43
C MET A 71 5.20 -4.73 16.83
N GLY A 72 5.07 -6.01 17.15
CA GLY A 72 4.66 -6.29 18.50
C GLY A 72 5.17 -7.64 18.94
N ALA A 73 4.96 -7.93 20.24
CA ALA A 73 5.37 -9.19 20.86
C ALA A 73 4.36 -9.55 21.93
N ASP A 74 3.96 -10.83 22.00
CA ASP A 74 2.99 -11.21 23.00
C ASP A 74 3.22 -12.63 23.55
N ARG A 75 2.45 -12.95 24.60
CA ARG A 75 2.33 -14.30 25.16
C ARG A 75 0.93 -14.77 25.07
N LYS A 76 0.77 -16.08 24.83
CA LYS A 76 -0.55 -16.67 24.76
C LYS A 76 -0.81 -17.44 26.03
N HIS A 77 -1.95 -17.21 26.68
CA HIS A 77 -2.34 -17.98 27.88
C HIS A 77 -3.56 -18.74 27.47
N GLU A 78 -3.54 -20.05 27.66
CA GLU A 78 -4.74 -20.83 27.47
C GLU A 78 -5.47 -20.99 28.80
N LEU A 79 -6.65 -20.38 28.91
CA LEU A 79 -7.37 -20.33 30.21
C LEU A 79 -8.80 -20.83 30.00
N GLY A 80 -9.10 -22.08 30.33
CA GLY A 80 -10.40 -22.70 29.93
C GLY A 80 -10.58 -22.62 28.39
N SER A 81 -11.77 -22.22 27.93
CA SER A 81 -12.05 -22.22 26.52
C SER A 81 -11.63 -20.85 25.85
N MET A 82 -10.84 -20.05 26.54
CA MET A 82 -10.34 -18.78 26.00
C MET A 82 -8.81 -18.88 25.71
N ASP A 83 -8.37 -18.43 24.54
CA ASP A 83 -6.96 -18.11 24.30
C ASP A 83 -6.79 -16.62 24.50
N LEU A 84 -5.89 -16.23 25.41
CA LEU A 84 -5.67 -14.81 25.69
C LEU A 84 -4.25 -14.44 25.22
N PHE A 85 -4.16 -13.42 24.38
CA PHE A 85 -2.86 -12.90 23.99
C PHE A 85 -2.68 -11.56 24.69
N THR A 86 -1.59 -11.41 25.44
CA THR A 86 -1.28 -10.13 26.04
C THR A 86 0.02 -9.63 25.48
N GLY A 87 0.04 -8.38 25.01
CA GLY A 87 1.25 -7.98 24.34
C GLY A 87 1.53 -6.50 24.33
N VAL A 88 2.63 -6.17 23.69
CA VAL A 88 3.07 -4.81 23.62
C VAL A 88 3.35 -4.50 22.15
N MET A 89 3.33 -3.21 21.80
CA MET A 89 3.61 -2.88 20.39
C MET A 89 4.20 -1.48 20.21
N ALA A 90 4.92 -1.29 19.11
CA ALA A 90 5.50 0.02 18.76
C ALA A 90 4.95 0.39 17.40
N THR A 91 4.77 1.70 17.14
CA THR A 91 4.19 2.10 15.88
C THR A 91 4.96 3.34 15.36
N TYR A 92 4.92 3.51 14.03
CA TYR A 92 5.52 4.67 13.35
C TYR A 92 4.56 4.96 12.20
N THR A 93 4.38 6.23 11.86
CA THR A 93 3.49 6.62 10.78
C THR A 93 4.14 7.80 10.08
N ASP A 94 4.04 7.81 8.76
CA ASP A 94 4.49 8.96 7.93
C ASP A 94 3.29 9.35 7.06
N THR A 95 2.84 10.61 7.21
CA THR A 95 1.61 10.94 6.47
C THR A 95 1.89 12.22 5.74
N ASP A 96 1.42 12.26 4.51
CA ASP A 96 1.48 13.48 3.69
C ASP A 96 0.04 13.94 3.48
N ALA A 97 -0.30 15.19 3.81
CA ALA A 97 -1.70 15.63 3.66
C ALA A 97 -1.72 17.01 3.03
N SER A 98 -2.73 17.28 2.20
CA SER A 98 -2.92 18.63 1.74
C SER A 98 -4.39 18.88 1.48
N ALA A 99 -4.74 20.16 1.43
CA ALA A 99 -6.09 20.62 1.21
C ALA A 99 -5.99 21.99 0.55
N ASP A 100 -7.14 22.56 0.21
CA ASP A 100 -7.08 23.92 -0.37
C ASP A 100 -6.27 24.88 0.51
N LEU A 101 -6.37 24.78 1.83
CA LEU A 101 -5.67 25.72 2.75
C LEU A 101 -4.25 25.40 3.28
N TYR A 102 -3.74 24.20 3.03
CA TYR A 102 -2.46 23.77 3.62
C TYR A 102 -1.79 22.61 2.89
N SER A 103 -0.51 22.44 3.12
CA SER A 103 0.13 21.28 2.55
C SER A 103 1.24 20.86 3.45
N GLY A 104 1.38 19.55 3.75
CA GLY A 104 2.49 19.19 4.61
C GLY A 104 2.70 17.70 4.96
N LYS A 105 3.46 17.48 6.01
CA LYS A 105 3.86 16.12 6.42
C LYS A 105 3.84 15.99 7.94
N THR A 106 3.41 14.81 8.38
CA THR A 106 3.38 14.51 9.79
C THR A 106 4.16 13.21 9.95
N LYS A 107 5.04 13.17 10.94
CA LYS A 107 5.81 11.99 11.25
C LYS A 107 5.48 11.69 12.69
N SER A 108 5.15 10.42 12.94
CA SER A 108 4.67 10.01 14.25
C SER A 108 5.30 8.73 14.75
N TRP A 109 5.31 8.57 16.06
CA TRP A 109 5.74 7.33 16.71
C TRP A 109 4.76 7.08 17.83
N GLY A 110 4.68 5.83 18.26
CA GLY A 110 3.78 5.54 19.37
C GLY A 110 4.00 4.13 19.85
N GLY A 111 3.13 3.70 20.76
CA GLY A 111 3.29 2.33 21.25
C GLY A 111 2.20 2.06 22.22
N GLY A 112 2.04 0.81 22.67
CA GLY A 112 0.91 0.56 23.55
C GLY A 112 0.86 -0.92 23.92
N PHE A 113 -0.27 -1.36 24.45
CA PHE A 113 -0.40 -2.73 24.96
C PHE A 113 -1.70 -3.24 24.42
N TYR A 114 -1.85 -4.54 24.25
CA TYR A 114 -3.13 -5.04 23.87
C TYR A 114 -3.42 -6.36 24.58
N ALA A 115 -4.69 -6.76 24.59
CA ALA A 115 -5.15 -8.07 25.09
C ALA A 115 -6.22 -8.51 24.08
N SER A 116 -5.99 -9.65 23.47
CA SER A 116 -6.94 -10.22 22.52
C SER A 116 -7.37 -11.60 23.03
N GLY A 117 -8.69 -11.80 23.15
CA GLY A 117 -9.26 -13.05 23.67
C GLY A 117 -10.06 -13.77 22.61
N LEU A 118 -9.73 -15.05 22.35
CA LEU A 118 -10.42 -15.80 21.33
C LEU A 118 -11.01 -17.03 22.02
N PHE A 119 -12.32 -17.17 21.92
CA PHE A 119 -13.07 -18.21 22.63
C PHE A 119 -13.36 -19.37 21.66
N ARG A 120 -13.30 -20.56 22.22
CA ARG A 120 -13.72 -21.75 21.48
C ARG A 120 -15.13 -21.64 20.93
N SER A 121 -16.04 -20.97 21.65
CA SER A 121 -17.39 -20.70 21.14
C SER A 121 -17.44 -19.97 19.76
N GLY A 122 -16.42 -19.16 19.48
CA GLY A 122 -16.36 -18.32 18.25
C GLY A 122 -16.32 -16.84 18.63
N ALA A 123 -16.69 -16.49 19.85
CA ALA A 123 -16.57 -15.16 20.35
C ALA A 123 -15.10 -14.67 20.37
N TYR A 124 -14.90 -13.36 20.25
CA TYR A 124 -13.59 -12.80 20.46
C TYR A 124 -13.70 -11.39 20.92
N PHE A 125 -12.66 -10.94 21.62
CA PHE A 125 -12.50 -9.51 21.87
C PHE A 125 -11.07 -9.07 21.60
N ASP A 126 -10.87 -7.76 21.48
CA ASP A 126 -9.52 -7.18 21.34
C ASP A 126 -9.61 -5.85 22.02
N VAL A 127 -8.72 -5.57 22.94
CA VAL A 127 -8.79 -4.28 23.65
C VAL A 127 -7.37 -3.73 23.54
N ILE A 128 -7.23 -2.42 23.27
CA ILE A 128 -5.91 -1.90 23.07
C ILE A 128 -5.82 -0.53 23.71
N ALA A 129 -4.64 -0.17 24.18
CA ALA A 129 -4.43 1.19 24.69
C ALA A 129 -3.09 1.65 24.14
N LYS A 130 -3.09 2.82 23.51
CA LYS A 130 -1.83 3.30 22.96
C LYS A 130 -1.70 4.78 23.08
N TYR A 131 -0.48 5.25 22.81
CA TYR A 131 -0.08 6.66 22.85
C TYR A 131 0.44 6.97 21.44
N ILE A 132 0.11 8.14 20.88
CA ILE A 132 0.64 8.49 19.56
C ILE A 132 1.16 9.92 19.68
N HIS A 133 2.38 10.15 19.21
CA HIS A 133 3.00 11.48 19.20
C HIS A 133 3.17 11.88 17.74
N ASN A 134 2.68 13.07 17.39
CA ASN A 134 2.75 13.59 16.01
C ASN A 134 3.59 14.88 15.89
N GLU A 135 4.46 14.91 14.88
CA GLU A 135 5.24 16.10 14.59
C GLU A 135 4.76 16.56 13.22
N ASN A 136 4.16 17.74 13.21
CA ASN A 136 3.52 18.23 12.02
C ASN A 136 4.30 19.37 11.43
N LYS A 137 4.58 19.33 10.13
CA LYS A 137 5.26 20.46 9.44
C LYS A 137 4.49 20.81 8.19
N TYR A 138 3.83 21.95 8.24
CA TYR A 138 2.83 22.27 7.20
C TYR A 138 3.01 23.68 6.67
N ASP A 139 2.79 23.87 5.36
CA ASP A 139 2.61 25.22 4.78
C ASP A 139 1.15 25.59 4.83
N LEU A 140 0.88 26.77 5.38
CA LEU A 140 -0.47 27.30 5.42
C LEU A 140 -0.59 28.28 4.24
N ASN A 141 -1.53 27.99 3.33
CA ASN A 141 -1.64 28.74 2.07
C ASN A 141 -2.64 29.88 2.29
N PHE A 142 -2.28 30.80 3.17
CA PHE A 142 -3.18 31.87 3.59
C PHE A 142 -2.55 32.80 4.64
N ALA A 143 -2.84 34.11 4.51
CA ALA A 143 -2.50 35.11 5.54
C ALA A 143 -1.01 35.23 5.85
N GLY A 144 -0.15 35.01 4.85
CA GLY A 144 1.31 35.06 5.07
C GLY A 144 1.78 34.18 6.22
N ALA A 145 1.02 33.12 6.51
CA ALA A 145 1.33 32.25 7.64
C ALA A 145 2.62 31.48 7.42
N GLY A 146 2.92 31.13 6.17
CA GLY A 146 4.14 30.39 5.83
C GLY A 146 4.16 28.99 6.46
N LYS A 147 5.38 28.46 6.66
CA LYS A 147 5.74 27.23 7.36
C LYS A 147 5.47 27.23 8.86
N GLN A 148 4.77 26.22 9.33
CA GLN A 148 4.37 26.05 10.73
C GLN A 148 4.70 24.61 11.19
N ASN A 149 5.46 24.52 12.29
CA ASN A 149 5.74 23.26 12.93
C ASN A 149 4.92 23.20 14.18
N PHE A 150 4.24 22.08 14.46
CA PHE A 150 3.53 21.93 15.73
C PHE A 150 3.39 20.46 16.07
N ARG A 151 3.24 20.16 17.34
CA ARG A 151 3.22 18.79 17.79
C ARG A 151 1.84 18.58 18.35
N SER A 152 1.38 17.33 18.29
CA SER A 152 0.14 16.91 18.92
C SER A 152 0.41 15.53 19.45
N HIS A 153 -0.48 15.09 20.31
CA HIS A 153 -0.35 13.74 20.75
C HIS A 153 -1.71 13.27 21.18
N SER A 154 -1.85 11.95 21.31
CA SER A 154 -3.09 11.43 21.77
C SER A 154 -3.00 10.10 22.48
N LEU A 155 -4.00 9.91 23.36
CA LEU A 155 -4.37 8.64 23.97
C LEU A 155 -5.54 7.98 23.27
N TYR A 156 -5.47 6.65 23.17
CA TYR A 156 -6.34 5.92 22.20
C TYR A 156 -6.67 4.71 23.02
N ALA A 157 -7.95 4.41 23.09
CA ALA A 157 -8.39 3.17 23.70
C ALA A 157 -9.34 2.63 22.69
N GLY A 158 -9.36 1.31 22.52
CA GLY A 158 -10.24 0.66 21.55
C GLY A 158 -10.73 -0.64 22.12
N ALA A 159 -12.00 -0.96 21.86
CA ALA A 159 -12.55 -2.26 22.23
C ALA A 159 -13.32 -2.76 21.06
N GLU A 160 -13.05 -4.00 20.69
CA GLU A 160 -13.77 -4.63 19.56
C GLU A 160 -14.24 -6.01 20.06
N VAL A 161 -15.40 -6.42 19.61
CA VAL A 161 -15.87 -7.76 19.96
C VAL A 161 -16.48 -8.32 18.69
N GLY A 162 -16.63 -9.63 18.62
CA GLY A 162 -17.18 -10.21 17.42
C GLY A 162 -17.37 -11.70 17.69
N TYR A 163 -17.87 -12.42 16.69
CA TYR A 163 -18.28 -13.77 16.91
C TYR A 163 -18.30 -14.46 15.59
N ARG A 164 -17.51 -15.54 15.49
CA ARG A 164 -17.47 -16.29 14.26
C ARG A 164 -18.52 -17.40 14.25
N TYR A 165 -19.41 -17.42 13.27
CA TYR A 165 -20.39 -18.48 13.13
C TYR A 165 -20.04 -19.27 11.92
N HIS A 166 -19.63 -20.54 12.09
CA HIS A 166 -19.51 -21.40 10.91
C HIS A 166 -20.86 -21.74 10.27
N LEU A 167 -20.96 -21.61 8.95
CA LEU A 167 -22.14 -22.03 8.21
C LEU A 167 -21.94 -23.49 7.75
N THR A 168 -20.68 -23.83 7.40
CA THR A 168 -20.29 -25.14 6.93
C THR A 168 -18.93 -25.39 7.58
N ASP A 169 -18.33 -26.55 7.29
CA ASP A 169 -16.96 -26.82 7.77
C ASP A 169 -15.98 -25.77 7.27
N THR A 170 -16.17 -25.21 6.08
CA THR A 170 -15.17 -24.30 5.54
C THR A 170 -15.64 -22.85 5.27
N THR A 171 -16.86 -22.49 5.66
CA THR A 171 -17.31 -21.09 5.51
C THR A 171 -17.86 -20.53 6.82
N PHE A 172 -17.77 -19.21 6.99
CA PHE A 172 -18.23 -18.62 8.20
C PHE A 172 -18.70 -17.21 7.92
N VAL A 173 -19.48 -16.68 8.84
CA VAL A 173 -19.76 -15.24 8.93
C VAL A 173 -19.40 -14.80 10.30
N GLU A 174 -18.91 -13.57 10.39
CA GLU A 174 -18.38 -13.04 11.61
C GLU A 174 -18.84 -11.61 11.82
N PRO A 175 -19.96 -11.38 12.55
CA PRO A 175 -20.34 -10.01 12.87
C PRO A 175 -19.36 -9.44 13.87
N GLN A 176 -19.16 -8.13 13.83
CA GLN A 176 -18.19 -7.40 14.63
C GLN A 176 -18.68 -5.98 14.98
N ALA A 177 -18.21 -5.46 16.11
CA ALA A 177 -18.56 -4.14 16.60
C ALA A 177 -17.32 -3.60 17.32
N GLU A 178 -17.03 -2.32 17.12
CA GLU A 178 -15.83 -1.77 17.71
C GLU A 178 -16.09 -0.34 18.12
N LEU A 179 -15.48 0.09 19.19
CA LEU A 179 -15.64 1.47 19.55
C LEU A 179 -14.23 1.93 19.93
N VAL A 180 -13.86 3.10 19.44
CA VAL A 180 -12.53 3.65 19.70
C VAL A 180 -12.71 5.04 20.26
N TRP A 181 -12.04 5.33 21.36
CA TRP A 181 -12.19 6.67 21.90
C TRP A 181 -10.84 7.24 22.21
N GLY A 182 -10.76 8.55 22.29
CA GLY A 182 -9.42 9.12 22.48
C GLY A 182 -9.47 10.47 23.21
N ARG A 183 -8.29 10.93 23.58
CA ARG A 183 -8.06 12.29 24.03
C ARG A 183 -6.94 12.75 23.16
N LEU A 184 -7.22 13.83 22.48
CA LEU A 184 -6.30 14.42 21.57
C LEU A 184 -5.93 15.85 22.04
N GLN A 185 -4.63 16.11 22.18
CA GLN A 185 -4.20 17.44 22.58
C GLN A 185 -3.08 17.92 21.66
N GLY A 186 -3.15 19.16 21.17
CA GLY A 186 -2.03 19.74 20.38
C GLY A 186 -1.75 21.21 20.72
N GLN A 187 -0.65 21.73 20.20
CA GLN A 187 -0.22 23.13 20.47
C GLN A 187 -1.28 24.16 20.05
N ASN A 203 -7.04 23.30 21.77
CA ASN A 203 -7.68 21.99 21.63
C ASN A 203 -7.23 20.95 22.65
N SER A 204 -8.21 20.48 23.41
CA SER A 204 -8.25 19.10 23.87
C SER A 204 -9.58 18.53 23.41
N VAL A 205 -9.59 17.63 22.41
CA VAL A 205 -10.85 16.99 21.98
C VAL A 205 -10.88 15.47 22.27
N ASN A 206 -12.07 14.91 22.38
CA ASN A 206 -12.24 13.49 22.62
C ASN A 206 -12.93 12.78 21.45
N PRO A 207 -12.15 12.31 20.45
CA PRO A 207 -12.87 11.71 19.32
C PRO A 207 -13.54 10.36 19.69
N LEU A 208 -14.51 9.92 18.91
CA LEU A 208 -15.11 8.61 19.15
C LEU A 208 -15.45 8.08 17.79
N VAL A 209 -15.02 6.86 17.49
CA VAL A 209 -15.27 6.22 16.21
C VAL A 209 -15.87 4.86 16.49
N GLY A 210 -16.89 4.45 15.74
CA GLY A 210 -17.54 3.18 16.05
C GLY A 210 -17.74 2.51 14.73
N ARG A 211 -17.82 1.19 14.74
CA ARG A 211 -17.97 0.44 13.52
C ARG A 211 -18.80 -0.78 13.87
N THR A 212 -19.70 -1.16 12.99
CA THR A 212 -20.40 -2.43 13.10
C THR A 212 -20.35 -3.06 11.73
N GLY A 213 -20.13 -4.36 11.64
CA GLY A 213 -19.95 -4.91 10.34
C GLY A 213 -19.89 -6.42 10.39
N VAL A 214 -19.70 -7.00 9.21
CA VAL A 214 -19.70 -8.44 9.03
C VAL A 214 -18.57 -8.82 8.08
N VAL A 215 -17.85 -9.85 8.46
CA VAL A 215 -16.93 -10.48 7.56
C VAL A 215 -17.38 -11.88 7.26
N SER A 216 -17.32 -12.24 5.99
CA SER A 216 -17.53 -13.65 5.70
C SER A 216 -16.27 -14.28 5.10
N GLY A 217 -16.14 -15.60 5.24
CA GLY A 217 -14.91 -16.23 4.90
C GLY A 217 -15.10 -17.62 4.36
N LYS A 218 -14.14 -18.02 3.52
CA LYS A 218 -14.08 -19.39 2.95
C LYS A 218 -12.64 -19.90 3.13
N THR A 219 -12.45 -21.05 3.78
CA THR A 219 -11.10 -21.52 4.07
C THR A 219 -10.79 -22.69 3.15
N PHE A 220 -9.65 -22.62 2.45
CA PHE A 220 -9.09 -23.73 1.70
C PHE A 220 -7.92 -24.26 2.52
N SER A 221 -7.58 -25.55 2.35
CA SER A 221 -6.49 -26.10 3.07
C SER A 221 -5.86 -27.29 2.34
N GLY A 222 -4.65 -27.65 2.75
CA GLY A 222 -4.00 -28.80 2.17
C GLY A 222 -3.56 -29.51 3.44
N LYS A 223 -2.55 -30.36 3.31
CA LYS A 223 -2.11 -31.17 4.47
C LYS A 223 -1.55 -30.30 5.59
N ASP A 224 -0.85 -29.23 5.23
CA ASP A 224 -0.24 -28.41 6.29
C ASP A 224 -0.21 -26.89 5.97
N TRP A 225 -1.28 -26.40 5.37
CA TRP A 225 -1.43 -24.96 5.09
C TRP A 225 -2.90 -24.72 5.00
N SER A 226 -3.28 -23.47 5.22
CA SER A 226 -4.63 -23.08 5.02
C SER A 226 -4.61 -21.67 4.46
N LEU A 227 -5.66 -21.35 3.70
CA LEU A 227 -5.80 -20.04 3.18
C LEU A 227 -7.27 -19.61 3.27
N THR A 228 -7.57 -18.52 3.98
CA THR A 228 -8.94 -18.07 4.14
C THR A 228 -9.18 -16.81 3.32
N ALA A 229 -10.11 -16.85 2.40
CA ALA A 229 -10.49 -15.66 1.60
C ALA A 229 -11.60 -14.91 2.37
N ARG A 230 -11.51 -13.57 2.47
CA ARG A 230 -12.44 -12.86 3.30
C ARG A 230 -13.08 -11.72 2.53
N ALA A 231 -14.35 -11.36 2.85
CA ALA A 231 -14.97 -10.17 2.28
C ALA A 231 -15.68 -9.51 3.47
N GLY A 232 -15.58 -8.19 3.61
CA GLY A 232 -16.21 -7.50 4.73
C GLY A 232 -16.98 -6.31 4.24
N LEU A 233 -17.99 -5.93 5.00
CA LEU A 233 -18.79 -4.77 4.68
C LEU A 233 -19.13 -4.17 6.03
N HIS A 234 -18.82 -2.91 6.29
CA HIS A 234 -18.98 -2.39 7.62
C HIS A 234 -19.58 -0.98 7.55
N TYR A 235 -20.39 -0.64 8.53
CA TYR A 235 -20.80 0.76 8.78
C TYR A 235 -19.90 1.37 9.82
N GLU A 236 -19.43 2.59 9.54
CA GLU A 236 -18.53 3.27 10.44
C GLU A 236 -19.01 4.70 10.63
N PHE A 237 -18.93 5.21 11.86
CA PHE A 237 -19.25 6.61 12.07
C PHE A 237 -18.11 7.19 12.87
N ASP A 238 -17.94 8.50 12.76
CA ASP A 238 -16.84 9.08 13.50
C ASP A 238 -17.20 10.47 13.90
N LEU A 239 -16.80 10.81 15.12
CA LEU A 239 -17.09 12.08 15.83
C LEU A 239 -15.83 12.76 16.24
N THR A 240 -15.75 14.02 15.84
CA THR A 240 -14.58 14.77 16.14
C THR A 240 -14.57 14.96 17.67
N ASP A 241 -15.75 15.12 18.31
CA ASP A 241 -15.78 15.44 19.75
C ASP A 241 -16.92 14.68 20.45
N SER A 242 -16.59 13.85 21.43
CA SER A 242 -17.61 12.92 21.93
C SER A 242 -18.51 13.58 22.95
N ARG A 259 -18.71 17.63 12.05
CA ARG A 259 -18.26 16.86 13.19
C ARG A 259 -18.86 15.45 13.35
N LYS A 260 -19.91 15.07 12.63
CA LYS A 260 -20.27 13.68 12.51
C LYS A 260 -20.08 13.30 11.04
N ASP A 261 -19.59 12.10 10.80
CA ASP A 261 -19.37 11.59 9.49
C ASP A 261 -19.68 10.09 9.61
N SER A 262 -19.88 9.43 8.49
CA SER A 262 -20.15 7.98 8.51
C SER A 262 -19.94 7.50 7.13
N ARG A 263 -19.72 6.21 6.94
CA ARG A 263 -19.37 5.70 5.66
C ARG A 263 -19.61 4.19 5.67
N MET A 264 -19.66 3.57 4.51
CA MET A 264 -19.59 2.11 4.37
C MET A 264 -18.12 1.76 4.01
N LEU A 265 -17.53 0.77 4.68
CA LEU A 265 -16.22 0.21 4.36
C LEU A 265 -16.40 -1.13 3.70
N TYR A 266 -15.62 -1.40 2.64
CA TYR A 266 -15.73 -2.64 1.85
C TYR A 266 -14.33 -3.18 1.82
N GLY A 267 -14.14 -4.44 2.19
CA GLY A 267 -12.79 -4.98 2.26
C GLY A 267 -12.76 -6.41 1.68
N VAL A 268 -11.59 -6.78 1.10
CA VAL A 268 -11.37 -8.17 0.76
C VAL A 268 -10.03 -8.51 1.34
N GLY A 269 -9.85 -9.77 1.73
CA GLY A 269 -8.60 -10.11 2.32
C GLY A 269 -8.31 -11.58 2.28
N LEU A 270 -7.12 -11.92 2.73
CA LEU A 270 -6.81 -13.30 3.07
C LEU A 270 -5.93 -13.45 4.29
N ASN A 271 -6.08 -14.60 4.96
CA ASN A 271 -5.21 -14.98 6.04
C ASN A 271 -4.67 -16.35 5.72
N ALA A 272 -3.36 -16.53 5.83
CA ALA A 272 -2.73 -17.78 5.38
C ALA A 272 -2.02 -18.38 6.56
N ARG A 273 -1.97 -19.72 6.63
CA ARG A 273 -1.11 -20.42 7.64
C ARG A 273 -0.16 -21.33 6.87
N PHE A 274 1.11 -21.28 7.23
CA PHE A 274 2.14 -22.15 6.68
C PHE A 274 2.64 -22.96 7.86
N GLY A 275 2.26 -24.26 7.86
CA GLY A 275 2.70 -25.17 8.97
C GLY A 275 2.17 -24.56 10.27
N ASP A 276 2.96 -24.73 11.32
CA ASP A 276 2.57 -24.34 12.68
C ASP A 276 2.99 -22.96 13.15
N ASN A 277 3.93 -22.32 12.49
CA ASN A 277 4.57 -21.19 13.11
C ASN A 277 4.35 -19.89 12.39
N THR A 278 4.01 -19.91 11.11
CA THR A 278 4.00 -18.62 10.39
C THR A 278 2.63 -18.34 9.82
N ARG A 279 2.17 -17.09 10.00
CA ARG A 279 0.94 -16.64 9.40
C ARG A 279 1.17 -15.35 8.64
N LEU A 280 0.35 -15.17 7.62
CA LEU A 280 0.36 -13.94 6.89
C LEU A 280 -1.08 -13.45 6.73
N GLY A 281 -1.23 -12.14 6.88
CA GLY A 281 -2.53 -11.55 6.62
C GLY A 281 -2.45 -10.40 5.63
N LEU A 282 -3.46 -10.29 4.76
CA LEU A 282 -3.47 -9.22 3.79
C LEU A 282 -4.91 -8.74 3.64
N GLU A 283 -5.12 -7.43 3.57
CA GLU A 283 -6.48 -6.89 3.47
C GLU A 283 -6.41 -5.60 2.61
N VAL A 284 -7.32 -5.42 1.68
CA VAL A 284 -7.42 -4.13 0.98
C VAL A 284 -8.78 -3.56 1.25
N GLU A 285 -8.87 -2.24 1.34
CA GLU A 285 -10.09 -1.66 1.76
C GLU A 285 -10.38 -0.38 1.03
N ARG A 286 -11.67 -0.03 0.96
CA ARG A 286 -12.03 1.26 0.41
C ARG A 286 -13.34 1.68 1.09
N SER A 287 -13.65 2.98 1.17
CA SER A 287 -14.95 3.33 1.69
C SER A 287 -15.75 4.17 0.71
N ALA A 288 -17.05 4.30 0.92
CA ALA A 288 -17.86 5.21 0.14
C ALA A 288 -18.86 5.88 1.08
N PHE A 289 -19.37 7.05 0.63
CA PHE A 289 -20.42 7.82 1.29
C PHE A 289 -19.95 8.72 2.40
N GLY A 290 -18.66 8.63 2.78
CA GLY A 290 -18.13 9.51 3.84
C GLY A 290 -17.94 10.91 3.23
N LYS A 291 -17.87 11.93 4.08
CA LYS A 291 -17.21 13.18 3.72
C LYS A 291 -15.71 12.88 3.62
N TYR A 292 -15.17 12.13 4.62
CA TYR A 292 -13.81 11.53 4.51
C TYR A 292 -13.96 10.07 4.08
N ASN A 293 -13.24 9.65 3.01
CA ASN A 293 -13.19 8.25 2.58
C ASN A 293 -11.75 7.75 2.50
N THR A 294 -11.62 6.45 2.69
CA THR A 294 -10.45 5.73 2.30
C THR A 294 -10.59 5.44 0.80
N ASP A 295 -9.69 5.98 -0.02
CA ASP A 295 -9.76 5.64 -1.46
C ASP A 295 -9.08 4.33 -1.78
N ASP A 296 -8.03 4.00 -1.04
CA ASP A 296 -7.39 2.69 -1.25
C ASP A 296 -6.51 2.47 -0.06
N ALA A 297 -6.41 1.26 0.42
CA ALA A 297 -5.50 0.96 1.52
C ALA A 297 -5.17 -0.53 1.38
N ILE A 298 -3.88 -0.86 1.54
CA ILE A 298 -3.38 -2.25 1.63
C ILE A 298 -2.67 -2.41 2.95
N ASN A 299 -3.14 -3.39 3.70
CA ASN A 299 -2.63 -3.75 4.97
C ASN A 299 -2.03 -5.13 4.86
N ALA A 300 -0.85 -5.36 5.42
CA ALA A 300 -0.27 -6.69 5.48
C ALA A 300 0.34 -6.91 6.85
N ASN A 301 0.35 -8.15 7.33
CA ASN A 301 1.01 -8.44 8.57
C ASN A 301 1.55 -9.87 8.51
N ILE A 302 2.61 -10.10 9.28
CA ILE A 302 3.19 -11.45 9.40
C ILE A 302 3.35 -11.70 10.87
N ARG A 303 2.97 -12.90 11.30
CA ARG A 303 3.12 -13.33 12.66
C ARG A 303 3.95 -14.61 12.69
N TYR A 304 4.96 -14.60 13.54
CA TYR A 304 5.71 -15.81 13.92
C TYR A 304 5.31 -16.23 15.35
N SER A 305 4.82 -17.46 15.50
CA SER A 305 4.35 -17.98 16.79
C SER A 305 5.19 -19.23 17.12
N PHE A 306 5.56 -19.35 18.39
CA PHE A 306 6.62 -20.32 18.74
C PHE A 306 6.41 -20.89 20.16
N LEU A 307 6.64 -22.21 20.32
CA LEU A 307 6.65 -23.03 21.60
C LEU A 307 8.01 -22.95 22.30
N GLU A 308 8.04 -22.85 23.62
CA GLU A 308 9.27 -22.49 24.41
C GLU A 308 10.42 -23.48 24.34
N GLY B 1 1.22 40.86 -17.68
CA GLY B 1 1.38 41.20 -19.12
C GLY B 1 2.30 40.17 -19.78
N THR B 2 2.94 40.55 -20.89
CA THR B 2 3.74 39.62 -21.69
C THR B 2 4.80 38.83 -20.89
N MET B 3 5.51 39.52 -20.01
CA MET B 3 6.60 38.87 -19.28
C MET B 3 6.07 37.84 -18.27
N ALA B 4 4.98 38.20 -17.60
CA ALA B 4 4.26 37.29 -16.68
C ALA B 4 3.68 36.08 -17.40
N ARG B 5 3.05 36.33 -18.54
CA ARG B 5 2.51 35.26 -19.34
C ARG B 5 3.60 34.31 -19.85
N ASN B 6 4.76 34.83 -20.25
CA ASN B 6 5.81 33.97 -20.76
C ASN B 6 6.36 33.10 -19.63
N ASP B 7 6.50 33.71 -18.46
CA ASP B 7 6.97 32.98 -17.28
C ASP B 7 5.96 31.86 -16.89
N GLY B 8 4.69 32.23 -16.84
CA GLY B 8 3.62 31.24 -16.68
C GLY B 8 3.62 30.11 -17.71
N GLN B 9 3.88 30.47 -18.97
CA GLN B 9 3.97 29.49 -20.04
C GLN B 9 5.10 28.47 -19.85
N GLY B 10 6.30 28.98 -19.50
CA GLY B 10 7.44 28.19 -19.10
C GLY B 10 7.10 27.26 -17.90
N LYS B 11 6.43 27.80 -16.89
CA LYS B 11 6.07 27.03 -15.74
C LYS B 11 5.01 25.96 -16.05
N ALA B 12 4.02 26.29 -16.91
CA ALA B 12 2.99 25.37 -17.37
C ALA B 12 3.62 24.21 -18.22
N ALA B 13 4.51 24.53 -19.17
CA ALA B 13 5.23 23.52 -19.93
C ALA B 13 6.08 22.61 -19.01
N ALA B 14 6.78 23.20 -18.04
CA ALA B 14 7.58 22.39 -17.15
C ALA B 14 6.67 21.47 -16.33
N THR B 15 5.54 22.00 -15.86
CA THR B 15 4.57 21.25 -15.05
C THR B 15 3.95 20.08 -15.86
N PHE B 16 3.44 20.38 -17.06
CA PHE B 16 2.92 19.34 -17.93
C PHE B 16 3.91 18.20 -18.21
N MET B 17 5.16 18.54 -18.50
CA MET B 17 6.24 17.56 -18.68
C MET B 17 6.49 16.74 -17.41
N HIS B 18 6.57 17.40 -16.24
CA HIS B 18 6.83 16.69 -15.02
C HIS B 18 5.74 15.63 -14.71
N ILE B 19 4.50 16.05 -14.85
CA ILE B 19 3.37 15.18 -14.57
C ILE B 19 3.37 14.02 -15.57
N SER B 20 3.52 14.34 -16.87
CA SER B 20 3.61 13.33 -17.93
C SER B 20 4.71 12.26 -17.65
N TYR B 21 5.90 12.71 -17.25
CA TYR B 21 7.01 11.79 -17.00
C TYR B 21 6.71 11.01 -15.71
N ASN B 22 6.16 11.68 -14.69
CA ASN B 22 5.69 10.99 -13.50
C ASN B 22 4.72 9.86 -13.87
N ASN B 23 3.78 10.14 -14.77
CA ASN B 23 2.81 9.13 -15.15
C ASN B 23 3.50 7.93 -15.79
N PHE B 24 4.52 8.21 -16.58
CA PHE B 24 5.22 7.10 -17.17
C PHE B 24 6.02 6.30 -16.13
N ILE B 25 6.85 6.95 -15.30
CA ILE B 25 7.74 6.08 -14.49
C ILE B 25 6.96 5.34 -13.39
N THR B 26 5.79 5.87 -13.01
CA THR B 26 4.94 5.19 -12.03
C THR B 26 4.50 3.77 -12.55
N GLU B 27 4.43 3.60 -13.88
CA GLU B 27 4.07 2.31 -14.47
C GLU B 27 5.24 1.30 -14.61
N VAL B 28 6.47 1.71 -14.31
CA VAL B 28 7.61 0.81 -14.49
C VAL B 28 7.54 -0.37 -13.51
N ASP B 29 7.57 -1.59 -14.03
CA ASP B 29 7.30 -2.80 -13.24
C ASP B 29 8.51 -3.75 -13.41
N ASN B 30 8.39 -4.96 -12.89
CA ASN B 30 9.33 -6.00 -13.22
C ASN B 30 8.57 -7.28 -13.06
N LEU B 31 9.21 -8.39 -13.47
CA LEU B 31 8.55 -9.70 -13.44
C LEU B 31 8.01 -10.10 -12.05
N ASN B 32 8.83 -10.00 -11.02
CA ASN B 32 8.31 -10.47 -9.73
C ASN B 32 7.17 -9.65 -9.20
N LYS B 33 7.25 -8.33 -9.39
CA LYS B 33 6.15 -7.51 -8.93
C LYS B 33 4.85 -7.81 -9.64
N ARG B 34 4.91 -8.08 -10.94
CA ARG B 34 3.64 -8.11 -11.71
C ARG B 34 3.08 -9.53 -11.59
N MET B 35 3.96 -10.49 -11.75
CA MET B 35 3.60 -11.90 -11.93
C MET B 35 3.84 -12.79 -10.69
N GLY B 36 4.62 -12.32 -9.72
CA GLY B 36 5.06 -13.24 -8.64
C GLY B 36 6.06 -14.29 -9.16
N ASP B 37 6.21 -15.41 -8.44
CA ASP B 37 7.16 -16.46 -8.87
C ASP B 37 6.45 -17.32 -9.94
N LEU B 38 7.00 -17.44 -11.14
CA LEU B 38 6.45 -18.31 -12.23
C LEU B 38 7.20 -19.67 -12.42
N ARG B 39 8.11 -20.00 -11.51
CA ARG B 39 8.94 -21.19 -11.69
C ARG B 39 8.10 -22.44 -11.36
N ASP B 40 8.24 -23.47 -12.17
CA ASP B 40 7.63 -24.78 -11.84
C ASP B 40 6.12 -24.77 -11.56
N ILE B 41 5.41 -24.07 -12.43
CA ILE B 41 3.94 -24.11 -12.34
C ILE B 41 3.36 -25.30 -13.13
N ASN B 42 2.51 -26.06 -12.44
CA ASN B 42 1.88 -27.23 -13.03
C ASN B 42 0.49 -26.87 -13.50
N GLY B 43 0.38 -26.17 -14.61
CA GLY B 43 -0.92 -25.61 -15.00
C GLY B 43 -0.66 -25.01 -16.35
N GLU B 44 -1.58 -25.15 -17.30
CA GLU B 44 -1.26 -24.58 -18.60
C GLU B 44 -1.90 -23.18 -18.81
N ALA B 45 -2.71 -22.73 -17.85
CA ALA B 45 -3.34 -21.45 -17.97
C ALA B 45 -3.25 -20.74 -16.62
N GLY B 46 -3.33 -19.40 -16.64
CA GLY B 46 -3.26 -18.69 -15.42
C GLY B 46 -4.06 -17.42 -15.53
N THR B 47 -4.51 -16.97 -14.37
CA THR B 47 -5.14 -15.67 -14.16
C THR B 47 -4.44 -15.01 -12.97
N TRP B 48 -4.27 -13.66 -12.99
CA TRP B 48 -3.62 -13.04 -11.87
C TRP B 48 -4.20 -11.66 -11.64
N VAL B 49 -3.97 -11.12 -10.45
CA VAL B 49 -4.33 -9.75 -10.17
C VAL B 49 -3.18 -9.19 -9.36
N ARG B 50 -2.91 -7.89 -9.55
CA ARG B 50 -1.79 -7.28 -8.84
C ARG B 50 -2.26 -5.91 -8.40
N LEU B 51 -1.90 -5.57 -7.19
CA LEU B 51 -2.25 -4.27 -6.60
C LEU B 51 -0.95 -3.64 -6.06
N LEU B 52 -0.74 -2.36 -6.35
CA LEU B 52 0.38 -1.56 -5.84
C LEU B 52 -0.17 -0.25 -5.19
N ASN B 53 0.36 0.08 -4.02
CA ASN B 53 0.04 1.34 -3.36
CA ASN B 53 0.05 1.32 -3.32
C ASN B 53 1.37 1.90 -2.88
N GLY B 54 1.70 3.14 -3.31
CA GLY B 54 2.99 3.65 -2.89
C GLY B 54 3.02 5.17 -2.96
N SER B 55 4.13 5.73 -2.54
CA SER B 55 4.28 7.19 -2.47
C SER B 55 5.69 7.50 -2.86
N GLY B 56 5.88 8.58 -3.59
CA GLY B 56 7.19 9.08 -3.96
C GLY B 56 7.33 10.56 -3.55
N SER B 57 8.54 11.06 -3.61
CA SER B 57 8.80 12.49 -3.34
C SER B 57 10.04 12.85 -4.16
N ALA B 58 10.15 14.13 -4.50
CA ALA B 58 11.27 14.62 -5.24
C ALA B 58 11.54 16.08 -4.82
N ASP B 59 12.34 16.79 -5.60
CA ASP B 59 12.59 18.21 -5.38
C ASP B 59 11.42 19.11 -5.88
N GLY B 60 11.49 20.42 -5.61
CA GLY B 60 10.41 21.34 -5.98
C GLY B 60 9.15 21.09 -5.12
N GLY B 61 9.33 20.44 -3.97
CA GLY B 61 8.20 20.15 -3.06
C GLY B 61 7.32 18.97 -3.55
N PHE B 62 7.85 18.17 -4.44
CA PHE B 62 7.00 17.15 -5.10
C PHE B 62 6.71 15.98 -4.18
N THR B 63 5.44 15.58 -4.07
CA THR B 63 5.07 14.32 -3.41
C THR B 63 3.91 13.69 -4.23
N ASP B 64 3.84 12.36 -4.26
CA ASP B 64 2.68 11.76 -4.90
C ASP B 64 2.34 10.48 -4.22
N HIS B 65 1.16 9.99 -4.49
CA HIS B 65 0.78 8.66 -4.10
C HIS B 65 -0.04 8.07 -5.23
N TYR B 66 0.03 6.75 -5.37
CA TYR B 66 -0.59 6.12 -6.53
C TYR B 66 -1.10 4.78 -6.06
N THR B 67 -2.14 4.35 -6.76
CA THR B 67 -2.68 3.02 -6.56
C THR B 67 -2.74 2.45 -7.96
N LEU B 68 -2.28 1.20 -8.13
CA LEU B 68 -2.30 0.56 -9.46
C LEU B 68 -3.04 -0.75 -9.27
N LEU B 69 -3.95 -1.06 -10.19
CA LEU B 69 -4.67 -2.32 -10.12
C LEU B 69 -4.49 -2.89 -11.52
N GLN B 70 -3.99 -4.12 -11.59
CA GLN B 70 -3.68 -4.74 -12.92
C GLN B 70 -4.23 -6.15 -12.87
N MET B 71 -4.65 -6.67 -14.00
CA MET B 71 -5.04 -8.10 -14.01
C MET B 71 -4.67 -8.70 -15.32
N GLY B 72 -4.43 -10.01 -15.36
CA GLY B 72 -4.03 -10.57 -16.62
C GLY B 72 -4.40 -12.02 -16.73
N ALA B 73 -4.17 -12.57 -17.92
CA ALA B 73 -4.45 -13.98 -18.19
C ALA B 73 -3.42 -14.49 -19.19
N ASP B 74 -2.93 -15.71 -18.98
CA ASP B 74 -1.95 -16.19 -19.90
C ASP B 74 -2.06 -17.71 -20.12
N ARG B 75 -1.24 -18.22 -21.05
CA ARG B 75 -1.06 -19.66 -21.31
C ARG B 75 0.39 -19.99 -21.13
N LYS B 76 0.65 -21.15 -20.52
CA LYS B 76 1.98 -21.67 -20.39
C LYS B 76 2.32 -22.67 -21.51
N HIS B 77 3.45 -22.51 -22.18
CA HIS B 77 3.89 -23.52 -23.13
C HIS B 77 5.20 -24.06 -22.63
N GLU B 78 5.27 -25.38 -22.49
CA GLU B 78 6.54 -26.01 -22.17
C GLU B 78 7.32 -26.40 -23.44
N LEU B 79 8.43 -25.72 -23.71
CA LEU B 79 9.16 -25.88 -24.99
C LEU B 79 10.59 -26.26 -24.67
N GLY B 80 10.95 -27.56 -24.69
CA GLY B 80 12.29 -28.00 -24.19
C GLY B 80 12.50 -27.54 -22.74
N SER B 81 13.67 -26.99 -22.42
CA SER B 81 13.94 -26.58 -21.07
C SER B 81 13.40 -25.13 -20.70
N MET B 82 12.49 -24.58 -21.51
CA MET B 82 11.94 -23.25 -21.28
C MET B 82 10.42 -23.37 -20.97
N ASP B 83 9.98 -22.76 -19.89
CA ASP B 83 8.54 -22.48 -19.68
C ASP B 83 8.25 -21.10 -20.25
N LEU B 84 7.38 -21.00 -21.26
CA LEU B 84 7.01 -19.71 -21.78
C LEU B 84 5.57 -19.38 -21.39
N PHE B 85 5.37 -18.18 -20.88
CA PHE B 85 4.03 -17.67 -20.54
C PHE B 85 3.71 -16.54 -21.51
N THR B 86 2.62 -16.66 -22.28
CA THR B 86 2.27 -15.57 -23.17
C THR B 86 0.90 -15.06 -22.72
N GLY B 87 0.80 -13.74 -22.57
CA GLY B 87 -0.38 -13.23 -21.93
C GLY B 87 -0.81 -11.82 -22.30
N VAL B 88 -1.96 -11.46 -21.78
CA VAL B 88 -2.56 -10.15 -21.95
C VAL B 88 -2.86 -9.56 -20.56
N MET B 89 -2.97 -8.22 -20.47
CA MET B 89 -3.24 -7.59 -19.19
C MET B 89 -3.92 -6.25 -19.35
N ALA B 90 -4.70 -5.89 -18.35
CA ALA B 90 -5.31 -4.53 -18.27
C ALA B 90 -4.83 -3.85 -17.00
N THR B 91 -4.75 -2.52 -17.04
CA THR B 91 -4.18 -1.79 -15.92
C THR B 91 -5.04 -0.57 -15.66
N TYR B 92 -5.06 -0.10 -14.40
CA TYR B 92 -5.75 1.14 -13.98
C TYR B 92 -4.81 1.75 -12.97
N THR B 93 -4.74 3.09 -12.93
CA THR B 93 -3.88 3.78 -11.99
C THR B 93 -4.62 5.04 -11.58
N ASP B 94 -4.54 5.36 -10.28
CA ASP B 94 -5.07 6.62 -9.70
C ASP B 94 -3.91 7.26 -8.93
N THR B 95 -3.56 8.50 -9.31
CA THR B 95 -2.36 9.07 -8.73
C THR B 95 -2.76 10.46 -8.27
N ASP B 96 -2.30 10.83 -7.07
CA ASP B 96 -2.44 12.22 -6.60
C ASP B 96 -1.04 12.76 -6.53
N ALA B 97 -0.81 13.94 -7.12
CA ALA B 97 0.55 14.52 -7.11
C ALA B 97 0.46 15.98 -6.79
N SER B 98 1.42 16.47 -6.02
CA SER B 98 1.51 17.89 -5.86
C SER B 98 2.96 18.32 -5.69
N ALA B 99 3.20 19.60 -5.95
CA ALA B 99 4.52 20.18 -5.85
C ALA B 99 4.32 21.67 -5.50
N ASP B 100 5.41 22.40 -5.37
CA ASP B 100 5.26 23.85 -5.07
C ASP B 100 4.36 24.54 -6.11
N LEU B 101 4.45 24.12 -7.36
CA LEU B 101 3.76 24.79 -8.46
C LEU B 101 2.39 24.25 -8.92
N TYR B 102 1.93 23.14 -8.33
CA TYR B 102 0.70 22.46 -8.80
C TYR B 102 0.14 21.45 -7.80
N SER B 103 -1.12 21.08 -7.96
CA SER B 103 -1.60 19.89 -7.23
C SER B 103 -2.73 19.33 -8.02
N GLY B 104 -2.84 18.01 -8.05
CA GLY B 104 -3.91 17.43 -8.80
C GLY B 104 -3.98 15.90 -8.78
N LYS B 105 -4.73 15.37 -9.73
CA LYS B 105 -4.99 13.94 -9.80
C LYS B 105 -4.92 13.48 -11.23
N THR B 106 -4.43 12.26 -11.39
CA THR B 106 -4.37 11.65 -12.71
C THR B 106 -5.08 10.30 -12.59
N LYS B 107 -6.00 10.03 -13.51
CA LYS B 107 -6.63 8.71 -13.63
C LYS B 107 -6.25 8.12 -14.95
N SER B 108 -5.83 6.85 -14.92
CA SER B 108 -5.22 6.24 -16.10
C SER B 108 -5.74 4.80 -16.30
N TRP B 109 -5.70 4.35 -17.54
CA TRP B 109 -6.09 2.96 -17.89
C TRP B 109 -5.10 2.55 -18.95
N GLY B 110 -4.90 1.25 -19.08
CA GLY B 110 -3.98 0.83 -20.11
C GLY B 110 -4.07 -0.69 -20.25
N GLY B 111 -3.17 -1.23 -21.03
CA GLY B 111 -3.25 -2.68 -21.24
C GLY B 111 -2.10 -3.10 -22.12
N GLY B 112 -1.86 -4.40 -22.25
CA GLY B 112 -0.75 -4.78 -23.09
C GLY B 112 -0.59 -6.28 -23.12
N PHE B 113 0.61 -6.71 -23.50
CA PHE B 113 0.91 -8.14 -23.72
C PHE B 113 2.23 -8.41 -23.08
N TYR B 114 2.47 -9.65 -22.66
CA TYR B 114 3.77 -10.00 -22.16
C TYR B 114 4.17 -11.41 -22.58
N ALA B 115 5.46 -11.68 -22.55
CA ALA B 115 5.98 -13.04 -22.69
C ALA B 115 7.10 -13.13 -21.66
N SER B 116 6.98 -14.16 -20.81
CA SER B 116 7.92 -14.39 -19.72
C SER B 116 8.45 -15.79 -19.95
N GLY B 117 9.78 -15.93 -20.02
CA GLY B 117 10.44 -17.23 -20.26
C GLY B 117 11.26 -17.66 -19.06
N LEU B 118 11.00 -18.87 -18.54
CA LEU B 118 11.74 -19.34 -17.35
C LEU B 118 12.43 -20.65 -17.73
N PHE B 119 13.76 -20.66 -17.61
CA PHE B 119 14.61 -21.76 -18.05
C PHE B 119 15.01 -22.64 -16.85
N ARG B 120 15.04 -23.94 -17.14
CA ARG B 120 15.53 -24.92 -16.19
C ARG B 120 16.93 -24.56 -15.67
N SER B 121 17.79 -24.06 -16.52
CA SER B 121 19.12 -23.56 -16.11
C SER B 121 19.09 -22.52 -14.95
N GLY B 122 18.00 -21.75 -14.83
CA GLY B 122 17.93 -20.62 -13.87
C GLY B 122 17.72 -19.26 -14.56
N ALA B 123 18.02 -19.17 -15.84
CA ALA B 123 17.84 -17.98 -16.63
C ALA B 123 16.32 -17.64 -16.72
N TYR B 124 16.01 -16.36 -16.91
CA TYR B 124 14.65 -15.97 -17.22
C TYR B 124 14.69 -14.67 -17.99
N PHE B 125 13.59 -14.43 -18.72
CA PHE B 125 13.34 -13.15 -19.34
C PHE B 125 11.89 -12.74 -19.14
N ASP B 126 11.60 -11.45 -19.20
CA ASP B 126 10.21 -10.97 -19.23
C ASP B 126 10.23 -9.80 -20.23
N VAL B 127 9.36 -9.84 -21.22
CA VAL B 127 9.27 -8.72 -22.16
C VAL B 127 7.76 -8.28 -22.16
N ILE B 128 7.48 -6.98 -22.19
CA ILE B 128 6.12 -6.51 -22.10
C ILE B 128 5.96 -5.30 -23.04
N ALA B 129 4.81 -5.14 -23.67
CA ALA B 129 4.54 -3.97 -24.46
C ALA B 129 3.18 -3.54 -23.93
N LYS B 130 3.10 -2.27 -23.55
CA LYS B 130 1.82 -1.78 -23.10
C LYS B 130 1.53 -0.35 -23.55
N TYR B 131 0.26 0.03 -23.45
CA TYR B 131 -0.27 1.34 -23.80
C TYR B 131 -0.78 1.92 -22.47
N ILE B 132 -0.54 3.22 -22.20
CA ILE B 132 -1.11 3.82 -20.99
C ILE B 132 -1.72 5.16 -21.38
N HIS B 133 -2.96 5.39 -20.96
CA HIS B 133 -3.68 6.65 -21.24
C HIS B 133 -3.90 7.37 -19.93
N ASN B 134 -3.54 8.66 -19.85
CA ASN B 134 -3.66 9.41 -18.63
C ASN B 134 -4.58 10.65 -18.82
N GLU B 135 -5.46 10.83 -17.83
CA GLU B 135 -6.35 11.96 -17.75
C GLU B 135 -5.91 12.75 -16.55
N ASN B 136 -5.40 13.95 -16.81
CA ASN B 136 -4.76 14.73 -15.76
C ASN B 136 -5.64 15.94 -15.43
N LYS B 137 -5.97 16.16 -14.16
CA LYS B 137 -6.75 17.38 -13.72
C LYS B 137 -5.95 18.05 -12.62
N TYR B 138 -5.37 19.20 -12.95
CA TYR B 138 -4.45 19.82 -11.98
C TYR B 138 -4.75 21.30 -11.76
N ASP B 139 -4.51 21.80 -10.54
CA ASP B 139 -4.47 23.26 -10.31
C ASP B 139 -3.05 23.70 -10.46
N LEU B 140 -2.82 24.77 -11.24
CA LEU B 140 -1.48 25.37 -11.36
C LEU B 140 -1.48 26.53 -10.39
N ASN B 141 -0.53 26.54 -9.47
CA ASN B 141 -0.49 27.54 -8.40
C ASN B 141 0.36 28.74 -8.87
N PHE B 142 -0.01 29.37 -9.98
CA PHE B 142 0.79 30.42 -10.61
C PHE B 142 0.11 31.00 -11.85
N ALA B 143 0.38 32.29 -12.12
CA ALA B 143 -0.20 33.04 -13.27
C ALA B 143 -1.73 33.00 -13.46
N GLY B 144 -2.48 32.89 -12.37
CA GLY B 144 -3.95 32.77 -12.48
C GLY B 144 -4.37 31.71 -13.51
N ALA B 145 -3.50 30.71 -13.70
CA ALA B 145 -3.75 29.58 -14.60
C ALA B 145 -4.89 28.72 -14.15
N GLY B 146 -5.10 28.62 -12.83
CA GLY B 146 -6.19 27.81 -12.27
C GLY B 146 -6.21 26.33 -12.72
N LYS B 147 -7.40 25.71 -12.71
CA LYS B 147 -7.71 24.33 -13.13
C LYS B 147 -7.41 24.03 -14.59
N GLN B 148 -6.56 23.05 -14.84
CA GLN B 148 -6.18 22.59 -16.18
C GLN B 148 -6.37 21.04 -16.31
N ASN B 149 -7.17 20.66 -17.30
CA ASN B 149 -7.41 19.28 -17.70
C ASN B 149 -6.61 19.04 -18.94
N PHE B 150 -5.74 18.03 -18.94
CA PHE B 150 -5.01 17.65 -20.13
C PHE B 150 -4.80 16.10 -20.18
N ARG B 151 -4.59 15.57 -21.38
CA ARG B 151 -4.51 14.14 -21.58
C ARG B 151 -3.10 13.85 -22.04
N SER B 152 -2.59 12.69 -21.63
CA SER B 152 -1.30 12.20 -22.12
C SER B 152 -1.43 10.68 -22.34
N HIS B 153 -0.51 10.14 -23.09
CA HIS B 153 -0.54 8.74 -23.29
C HIS B 153 0.85 8.30 -23.66
N SER B 154 1.11 7.01 -23.53
CA SER B 154 2.41 6.54 -23.78
C SER B 154 2.46 5.08 -24.21
N LEU B 155 3.54 4.77 -24.93
CA LEU B 155 3.90 3.41 -25.32
C LEU B 155 5.08 2.98 -24.47
N TYR B 156 5.10 1.70 -24.09
CA TYR B 156 6.05 1.29 -23.01
C TYR B 156 6.48 -0.04 -23.55
N ALA B 157 7.79 -0.27 -23.60
CA ALA B 157 8.32 -1.57 -23.91
C ALA B 157 9.34 -1.83 -22.83
N GLY B 158 9.42 -3.06 -22.37
CA GLY B 158 10.35 -3.40 -21.29
C GLY B 158 10.91 -4.77 -21.52
N ALA B 159 12.21 -4.92 -21.19
CA ALA B 159 12.86 -6.21 -21.27
C ALA B 159 13.65 -6.41 -20.02
N GLU B 160 13.46 -7.57 -19.37
CA GLU B 160 14.23 -7.85 -18.13
C GLU B 160 14.85 -9.24 -18.33
N VAL B 161 16.04 -9.46 -17.81
CA VAL B 161 16.60 -10.78 -17.86
C VAL B 161 17.24 -10.98 -16.51
N GLY B 162 17.43 -12.23 -16.10
CA GLY B 162 18.06 -12.51 -14.83
C GLY B 162 18.39 -14.00 -14.75
N TYR B 163 18.94 -14.41 -13.62
CA TYR B 163 19.44 -15.75 -13.56
C TYR B 163 19.47 -16.16 -12.13
N ARG B 164 18.78 -17.25 -11.83
CA ARG B 164 18.77 -17.71 -10.44
C ARG B 164 19.90 -18.69 -10.19
N TYR B 165 20.76 -18.40 -9.22
CA TYR B 165 21.83 -19.33 -8.82
C TYR B 165 21.55 -19.85 -7.46
N HIS B 166 21.24 -21.14 -7.39
CA HIS B 166 21.12 -21.77 -6.09
C HIS B 166 22.48 -21.88 -5.36
N LEU B 167 22.53 -21.45 -4.11
CA LEU B 167 23.73 -21.57 -3.29
C LEU B 167 23.63 -22.89 -2.49
N THR B 168 22.42 -23.20 -1.99
CA THR B 168 22.13 -24.46 -1.33
C THR B 168 20.79 -24.94 -1.88
N ASP B 169 20.31 -26.05 -1.36
CA ASP B 169 18.98 -26.54 -1.68
C ASP B 169 17.93 -25.47 -1.50
N THR B 170 18.06 -24.64 -0.46
CA THR B 170 16.98 -23.70 -0.10
C THR B 170 17.36 -22.20 -0.19
N THR B 171 18.53 -21.85 -0.73
CA THR B 171 18.90 -20.44 -0.85
C THR B 171 19.45 -20.13 -2.24
N PHE B 172 19.24 -18.90 -2.68
CA PHE B 172 19.69 -18.56 -4.00
C PHE B 172 20.02 -17.08 -4.06
N VAL B 173 20.73 -16.72 -5.12
CA VAL B 173 20.97 -15.33 -5.42
C VAL B 173 20.56 -15.23 -6.88
N GLU B 174 19.97 -14.10 -7.26
CA GLU B 174 19.46 -13.88 -8.58
C GLU B 174 19.82 -12.48 -9.10
N PRO B 175 20.97 -12.33 -9.81
CA PRO B 175 21.16 -11.05 -10.48
C PRO B 175 20.10 -10.79 -11.59
N GLN B 176 19.84 -9.49 -11.86
CA GLN B 176 18.81 -9.07 -12.80
C GLN B 176 19.21 -7.74 -13.45
N ALA B 177 18.71 -7.55 -14.67
CA ALA B 177 18.93 -6.36 -15.44
C ALA B 177 17.67 -6.07 -16.25
N GLU B 178 17.32 -4.80 -16.34
CA GLU B 178 16.08 -4.40 -16.96
C GLU B 178 16.23 -3.07 -17.71
N LEU B 179 15.64 -2.97 -18.89
CA LEU B 179 15.62 -1.66 -19.53
C LEU B 179 14.19 -1.47 -19.98
N VAL B 180 13.70 -0.27 -19.76
CA VAL B 180 12.35 0.09 -20.14
C VAL B 180 12.46 1.35 -21.02
N TRP B 181 11.82 1.33 -22.16
CA TRP B 181 11.81 2.52 -23.04
C TRP B 181 10.39 2.93 -23.36
N GLY B 182 10.21 4.23 -23.59
CA GLY B 182 8.84 4.73 -23.77
C GLY B 182 8.79 5.71 -24.94
N ARG B 183 7.58 5.98 -25.42
CA ARG B 183 7.26 7.16 -26.20
C ARG B 183 6.07 7.74 -25.48
N LEU B 184 6.26 8.97 -25.03
CA LEU B 184 5.30 9.69 -24.24
C LEU B 184 4.85 10.92 -25.04
N GLN B 185 3.55 11.10 -25.23
CA GLN B 185 3.06 12.27 -25.90
C GLN B 185 1.88 12.82 -25.14
N GLY B 186 1.83 14.14 -24.97
CA GLY B 186 0.69 14.81 -24.32
C GLY B 186 0.29 16.13 -24.95
N GLN B 187 -0.79 16.72 -24.42
CA GLN B 187 -1.31 18.02 -24.91
C GLN B 187 -0.38 19.22 -24.63
N ASN B 203 4.76 17.95 -25.69
CA ASN B 203 5.28 17.44 -26.96
C ASN B 203 5.53 15.91 -26.86
N SER B 204 6.55 15.40 -27.58
CA SER B 204 6.93 13.99 -27.54
C SER B 204 8.31 13.75 -26.93
N VAL B 205 8.42 12.78 -26.01
CA VAL B 205 9.70 12.46 -25.36
C VAL B 205 9.84 10.94 -25.23
N ASN B 206 11.08 10.45 -25.14
CA ASN B 206 11.34 9.01 -25.07
C ASN B 206 12.08 8.61 -23.79
N PRO B 207 11.33 8.27 -22.72
CA PRO B 207 12.06 8.00 -21.49
C PRO B 207 12.90 6.73 -21.58
N LEU B 208 13.86 6.54 -20.69
CA LEU B 208 14.60 5.28 -20.64
C LEU B 208 14.97 5.08 -19.20
N VAL B 209 14.65 3.89 -18.66
CA VAL B 209 14.91 3.58 -17.30
C VAL B 209 15.63 2.24 -17.28
N GLY B 210 16.70 2.14 -16.52
CA GLY B 210 17.42 0.88 -16.49
C GLY B 210 17.69 0.50 -15.07
N ARG B 211 17.79 -0.79 -14.81
CA ARG B 211 17.97 -1.27 -13.45
C ARG B 211 18.89 -2.45 -13.52
N THR B 212 19.82 -2.50 -12.59
CA THR B 212 20.62 -3.70 -12.39
C THR B 212 20.61 -4.02 -10.92
N GLY B 213 20.47 -5.29 -10.54
CA GLY B 213 20.35 -5.57 -9.15
C GLY B 213 20.42 -7.04 -8.83
N VAL B 214 20.22 -7.37 -7.55
CA VAL B 214 20.33 -8.75 -7.09
C VAL B 214 19.25 -8.99 -6.05
N VAL B 215 18.55 -10.13 -6.17
CA VAL B 215 17.72 -10.60 -5.10
C VAL B 215 18.34 -11.88 -4.50
N SER B 216 18.31 -11.97 -3.17
CA SER B 216 18.56 -13.17 -2.38
C SER B 216 17.28 -13.80 -1.87
N GLY B 217 17.27 -15.13 -1.74
CA GLY B 217 16.06 -15.82 -1.30
C GLY B 217 16.37 -17.00 -0.40
N LYS B 218 15.48 -17.27 0.56
CA LYS B 218 15.53 -18.45 1.45
C LYS B 218 14.13 -19.05 1.33
N THR B 219 14.03 -20.30 0.93
CA THR B 219 12.73 -20.95 0.76
C THR B 219 12.53 -21.93 1.90
N PHE B 220 11.41 -21.76 2.63
CA PHE B 220 10.91 -22.71 3.61
C PHE B 220 9.79 -23.48 2.95
N SER B 221 9.55 -24.72 3.38
CA SER B 221 8.51 -25.53 2.76
C SER B 221 7.97 -26.60 3.72
N GLY B 222 6.78 -27.11 3.44
CA GLY B 222 6.23 -28.23 4.20
C GLY B 222 5.83 -29.20 3.11
N LYS B 223 4.89 -30.07 3.38
CA LYS B 223 4.50 -31.13 2.43
C LYS B 223 3.84 -30.56 1.19
N ASP B 224 3.04 -29.51 1.35
CA ASP B 224 2.18 -28.99 0.26
C ASP B 224 2.20 -27.41 0.16
N TRP B 225 3.26 -26.76 0.66
CA TRP B 225 3.36 -25.29 0.65
C TRP B 225 4.82 -24.93 0.63
N SER B 226 5.09 -23.74 0.08
CA SER B 226 6.43 -23.15 0.16
C SER B 226 6.33 -21.65 0.41
N LEU B 227 7.31 -21.09 1.09
CA LEU B 227 7.36 -19.68 1.36
C LEU B 227 8.80 -19.23 1.15
N THR B 228 9.03 -18.30 0.23
CA THR B 228 10.35 -17.80 -0.08
C THR B 228 10.43 -16.38 0.41
N ALA B 229 11.35 -16.14 1.32
CA ALA B 229 11.66 -14.81 1.80
C ALA B 229 12.73 -14.21 0.86
N ARG B 230 12.57 -12.95 0.47
CA ARG B 230 13.44 -12.31 -0.49
C ARG B 230 13.92 -10.97 0.02
N ALA B 231 15.15 -10.58 -0.34
CA ALA B 231 15.67 -9.22 -0.08
C ALA B 231 16.34 -8.83 -1.39
N GLY B 232 16.11 -7.60 -1.86
CA GLY B 232 16.73 -7.15 -3.07
C GLY B 232 17.44 -5.82 -2.86
N LEU B 233 18.44 -5.57 -3.69
CA LEU B 233 19.12 -4.27 -3.68
C LEU B 233 19.42 -3.99 -5.14
N HIS B 234 19.06 -2.82 -5.66
CA HIS B 234 19.23 -2.57 -7.06
C HIS B 234 19.73 -1.14 -7.28
N TYR B 235 20.48 -0.98 -8.37
CA TYR B 235 20.77 0.35 -8.89
C TYR B 235 19.84 0.65 -10.03
N GLU B 236 19.26 1.84 -10.02
CA GLU B 236 18.35 2.22 -11.06
C GLU B 236 18.68 3.61 -11.60
N PHE B 237 18.61 3.81 -12.90
CA PHE B 237 18.79 5.17 -13.40
C PHE B 237 17.60 5.48 -14.28
N ASP B 238 17.31 6.78 -14.44
CA ASP B 238 16.19 7.08 -15.32
C ASP B 238 16.48 8.36 -16.03
N LEU B 239 16.13 8.35 -17.32
CA LEU B 239 16.33 9.45 -18.28
C LEU B 239 15.01 9.97 -18.80
N THR B 240 14.87 11.29 -18.65
CA THR B 240 13.70 11.94 -19.16
C THR B 240 13.74 11.80 -20.69
N ASP B 241 14.95 11.83 -21.29
CA ASP B 241 15.12 11.83 -22.78
C ASP B 241 16.25 10.87 -23.28
N SER B 242 15.92 9.83 -24.05
CA SER B 242 16.85 8.68 -24.17
C SER B 242 18.17 8.90 -24.92
N ARG B 259 17.12 15.23 -18.51
CA ARG B 259 17.82 15.02 -17.24
C ARG B 259 17.96 13.55 -16.78
N LYS B 260 18.90 13.36 -15.87
CA LYS B 260 19.33 12.06 -15.46
C LYS B 260 19.15 12.04 -13.93
N ASP B 261 18.71 10.88 -13.44
CA ASP B 261 18.53 10.61 -12.03
C ASP B 261 18.95 9.15 -11.81
N SER B 262 19.20 8.79 -10.56
CA SER B 262 19.62 7.42 -10.22
C SER B 262 19.40 7.25 -8.77
N ARG B 263 19.28 6.01 -8.31
CA ARG B 263 18.94 5.78 -6.92
C ARG B 263 19.30 4.31 -6.60
N MET B 264 19.37 3.98 -5.32
CA MET B 264 19.40 2.58 -4.91
C MET B 264 17.96 2.21 -4.45
N LEU B 265 17.46 1.04 -4.89
CA LEU B 265 16.21 0.50 -4.40
C LEU B 265 16.48 -0.69 -3.49
N TYR B 266 15.73 -0.79 -2.39
CA TYR B 266 15.92 -1.77 -1.32
C TYR B 266 14.56 -2.40 -1.17
N GLY B 267 14.47 -3.73 -1.20
CA GLY B 267 13.15 -4.36 -1.17
C GLY B 267 13.19 -5.60 -0.31
N VAL B 268 12.06 -5.93 0.34
CA VAL B 268 11.89 -7.21 0.95
C VAL B 268 10.61 -7.81 0.44
N GLY B 269 10.54 -9.15 0.32
CA GLY B 269 9.31 -9.73 -0.15
C GLY B 269 9.12 -11.15 0.27
N LEU B 270 7.97 -11.71 -0.11
CA LEU B 270 7.65 -13.10 0.10
C LEU B 270 6.92 -13.56 -1.16
N ASN B 271 7.20 -14.81 -1.58
CA ASN B 271 6.40 -15.52 -2.57
C ASN B 271 5.93 -16.82 -1.95
N ALA B 272 4.63 -17.13 -2.00
CA ALA B 272 4.07 -18.31 -1.32
C ALA B 272 3.41 -19.18 -2.34
N ARG B 273 3.45 -20.50 -2.11
CA ARG B 273 2.72 -21.50 -2.91
C ARG B 273 1.82 -22.27 -1.93
N PHE B 274 0.54 -22.37 -2.28
CA PHE B 274 -0.41 -23.17 -1.61
C PHE B 274 -0.84 -24.26 -2.55
N GLY B 275 -0.37 -25.48 -2.26
CA GLY B 275 -0.70 -26.65 -3.15
C GLY B 275 -0.24 -26.33 -4.56
N ASP B 276 -0.97 -26.83 -5.54
CA ASP B 276 -0.60 -26.67 -6.94
C ASP B 276 -1.11 -25.46 -7.65
N ASN B 277 -2.15 -24.82 -7.11
CA ASN B 277 -2.90 -23.86 -7.94
C ASN B 277 -2.77 -22.40 -7.56
N THR B 278 -2.42 -22.13 -6.31
CA THR B 278 -2.48 -20.74 -5.87
C THR B 278 -1.15 -20.20 -5.42
N ARG B 279 -0.79 -19.02 -5.94
CA ARG B 279 0.39 -18.38 -5.44
C ARG B 279 0.10 -16.96 -4.96
N LEU B 280 0.93 -16.47 -4.06
CA LEU B 280 0.79 -15.09 -3.68
C LEU B 280 2.19 -14.48 -3.56
N GLY B 281 2.28 -13.20 -3.94
CA GLY B 281 3.54 -12.49 -3.80
C GLY B 281 3.31 -11.15 -3.13
N LEU B 282 4.24 -10.77 -2.27
CA LEU B 282 4.20 -9.49 -1.58
C LEU B 282 5.61 -8.94 -1.64
N GLU B 283 5.71 -7.61 -1.83
CA GLU B 283 7.03 -6.96 -1.87
C GLU B 283 6.82 -5.53 -1.35
N VAL B 284 7.71 -5.10 -0.50
CA VAL B 284 7.75 -3.76 -0.05
C VAL B 284 9.09 -3.13 -0.51
N GLU B 285 9.08 -1.86 -0.86
CA GLU B 285 10.24 -1.28 -1.44
C GLU B 285 10.36 0.17 -1.00
N ARG B 286 11.59 0.67 -1.06
CA ARG B 286 11.89 2.07 -0.76
C ARG B 286 13.18 2.39 -1.56
N SER B 287 13.41 3.66 -1.95
CA SER B 287 14.70 3.94 -2.52
C SER B 287 15.42 5.04 -1.72
N ALA B 288 16.69 5.26 -2.00
CA ALA B 288 17.43 6.37 -1.45
C ALA B 288 18.35 6.92 -2.54
N PHE B 289 18.77 8.21 -2.37
CA PHE B 289 19.80 8.89 -3.19
C PHE B 289 19.30 9.49 -4.49
N GLY B 290 18.06 9.14 -4.87
CA GLY B 290 17.35 9.75 -6.01
C GLY B 290 17.06 11.23 -5.75
N LYS B 291 16.94 12.00 -6.82
CA LYS B 291 16.23 13.27 -6.70
C LYS B 291 14.75 12.86 -6.49
N TYR B 292 14.26 11.93 -7.34
CA TYR B 292 12.91 11.31 -7.07
C TYR B 292 13.17 9.96 -6.33
N ASN B 293 12.47 9.72 -5.21
CA ASN B 293 12.56 8.42 -4.45
C ASN B 293 11.19 7.85 -4.22
N THR B 294 11.13 6.54 -4.18
CA THR B 294 10.04 5.82 -3.59
C THR B 294 10.17 5.89 -2.08
N ASP B 295 9.21 6.52 -1.45
CA ASP B 295 9.26 6.55 0.01
C ASP B 295 8.69 5.30 0.64
N ASP B 296 7.68 4.70 0.04
CA ASP B 296 7.14 3.42 0.59
C ASP B 296 6.30 2.90 -0.53
N ALA B 297 6.32 1.60 -0.75
CA ALA B 297 5.45 0.97 -1.74
C ALA B 297 5.18 -0.46 -1.28
N ILE B 298 3.93 -0.89 -1.38
CA ILE B 298 3.55 -2.30 -1.10
C ILE B 298 2.87 -2.80 -2.37
N ASN B 299 3.42 -3.90 -2.88
CA ASN B 299 2.94 -4.55 -4.06
C ASN B 299 2.44 -5.91 -3.64
N ALA B 300 1.25 -6.37 -4.09
CA ALA B 300 0.81 -7.72 -3.79
C ALA B 300 0.25 -8.27 -5.07
N ASN B 301 0.43 -9.57 -5.31
CA ASN B 301 -0.25 -10.16 -6.47
C ASN B 301 -0.76 -11.55 -6.13
N ILE B 302 -1.77 -12.02 -6.84
CA ILE B 302 -2.21 -13.43 -6.64
C ILE B 302 -2.34 -14.04 -8.02
N ARG B 303 -1.87 -15.29 -8.16
CA ARG B 303 -1.98 -16.01 -9.41
C ARG B 303 -2.72 -17.32 -9.15
N TYR B 304 -3.67 -17.64 -10.01
CA TYR B 304 -4.34 -18.94 -9.98
C TYR B 304 -3.96 -19.63 -11.28
N SER B 305 -3.38 -20.82 -11.19
CA SER B 305 -2.85 -21.53 -12.34
C SER B 305 -3.60 -22.87 -12.41
N PHE B 306 -3.94 -23.31 -13.61
CA PHE B 306 -4.91 -24.44 -13.72
C PHE B 306 -4.66 -25.28 -15.02
N LEU B 307 -4.94 -26.62 -14.95
CA LEU B 307 -4.84 -27.65 -16.06
C LEU B 307 -6.20 -27.88 -16.71
N GLU B 308 -6.27 -28.18 -18.02
CA GLU B 308 -7.53 -28.27 -18.86
C GLU B 308 -8.63 -29.16 -18.33
#